data_5D7U
#
_entry.id   5D7U
#
_cell.length_a   35.988
_cell.length_b   42.279
_cell.length_c   139.087
_cell.angle_alpha   90.00
_cell.angle_beta   90.00
_cell.angle_gamma   90.00
#
_symmetry.space_group_name_H-M   'C 2 2 21'
#
loop_
_entity.id
_entity.type
_entity.pdbx_description
1 polymer Pr160
2 non-polymer 'ISOPROPYL ALCOHOL'
3 water water
#
_entity_poly.entity_id   1
_entity_poly.type   'polypeptide(L)'
_entity_poly.pdbx_seq_one_letter_code
;GPGSADPKPMVMWKDLLTGSWKGPDVLITAGRGYACVFPQDAESPIWVPDRFIRPFTE
;
_entity_poly.pdbx_strand_id   A,B
#
loop_
_chem_comp.id
_chem_comp.type
_chem_comp.name
_chem_comp.formula
IPA non-polymer 'ISOPROPYL ALCOHOL' 'C3 H8 O'
#
# COMPACT_ATOMS: atom_id res chain seq x y z
N ALA A 5 13.52 -0.67 -7.82
CA ALA A 5 13.69 0.43 -8.77
C ALA A 5 12.38 1.18 -9.00
N ASP A 6 12.47 2.25 -9.79
CA ASP A 6 11.34 3.12 -10.12
C ASP A 6 10.84 2.79 -11.55
N PRO A 7 9.70 3.38 -11.99
CA PRO A 7 8.79 4.31 -11.30
C PRO A 7 7.99 3.62 -10.21
N LYS A 8 7.61 4.39 -9.20
CA LYS A 8 6.68 3.91 -8.21
C LYS A 8 5.34 3.60 -8.88
N PRO A 9 4.55 2.70 -8.29
CA PRO A 9 3.16 2.51 -8.73
C PRO A 9 2.37 3.79 -8.60
N MET A 10 1.51 4.05 -9.57
CA MET A 10 0.75 5.28 -9.57
CA MET A 10 0.75 5.29 -9.67
C MET A 10 -0.75 5.02 -9.62
N VAL A 11 -1.49 5.94 -9.03
CA VAL A 11 -2.94 5.85 -8.96
C VAL A 11 -3.54 7.21 -9.26
N MET A 12 -4.79 7.19 -9.72
CA MET A 12 -5.65 8.34 -9.61
C MET A 12 -6.41 8.23 -8.31
N TRP A 13 -6.71 9.36 -7.69
CA TRP A 13 -7.34 9.32 -6.38
C TRP A 13 -8.31 10.48 -6.27
N LYS A 14 -9.40 10.27 -5.52
CA LYS A 14 -10.43 11.28 -5.45
C LYS A 14 -10.20 12.15 -4.22
N ASP A 15 -10.16 13.45 -4.45
CA ASP A 15 -10.10 14.42 -3.36
C ASP A 15 -11.53 14.59 -2.86
N LEU A 16 -11.83 14.09 -1.66
CA LEU A 16 -13.19 14.04 -1.16
C LEU A 16 -13.67 15.40 -0.70
N LEU A 17 -12.74 16.34 -0.54
CA LEU A 17 -13.08 17.68 -0.10
C LEU A 17 -13.51 18.56 -1.27
N THR A 18 -12.84 18.41 -2.42
CA THR A 18 -13.24 19.13 -3.64
C THR A 18 -14.08 18.28 -4.57
N GLY A 19 -14.07 16.96 -4.41
CA GLY A 19 -14.79 16.06 -5.28
C GLY A 19 -14.09 15.73 -6.58
N SER A 20 -12.90 16.27 -6.82
CA SER A 20 -12.24 16.08 -8.09
C SER A 20 -11.19 14.98 -8.02
N TRP A 21 -11.00 14.33 -9.17
CA TRP A 21 -9.98 13.30 -9.29
C TRP A 21 -8.63 13.96 -9.53
N LYS A 22 -7.64 13.41 -8.83
CA LYS A 22 -6.28 13.92 -8.81
C LYS A 22 -5.35 12.79 -9.25
N GLY A 23 -4.15 13.17 -9.65
CA GLY A 23 -3.14 12.21 -10.05
C GLY A 23 -2.74 12.33 -11.52
N PRO A 24 -1.94 11.36 -12.00
CA PRO A 24 -1.45 10.17 -11.28
C PRO A 24 -0.40 10.52 -10.27
N ASP A 25 -0.47 9.87 -9.12
CA ASP A 25 0.50 10.12 -8.07
C ASP A 25 0.99 8.78 -7.55
N VAL A 26 2.18 8.82 -6.93
CA VAL A 26 2.79 7.60 -6.40
C VAL A 26 1.96 7.03 -5.26
N LEU A 27 1.70 5.73 -5.32
CA LEU A 27 1.02 5.01 -4.25
C LEU A 27 2.06 4.54 -3.24
N ILE A 28 1.88 4.92 -1.98
CA ILE A 28 2.80 4.49 -0.92
C ILE A 28 2.37 3.16 -0.31
N THR A 29 1.10 3.03 0.03
CA THR A 29 0.59 1.82 0.64
C THR A 29 -0.91 1.80 0.42
N ALA A 30 -1.50 0.61 0.42
CA ALA A 30 -2.95 0.49 0.29
C ALA A 30 -3.41 -0.82 0.88
N GLY A 31 -4.55 -0.80 1.52
CA GLY A 31 -5.10 -1.99 2.13
C GLY A 31 -5.95 -1.64 3.33
N ARG A 32 -6.72 -2.64 3.78
CA ARG A 32 -7.61 -2.50 4.94
C ARG A 32 -8.52 -1.29 4.81
N GLY A 33 -8.91 -0.96 3.58
CA GLY A 33 -9.84 0.11 3.32
C GLY A 33 -9.23 1.47 3.07
N TYR A 34 -7.91 1.60 3.11
CA TYR A 34 -7.28 2.91 2.95
C TYR A 34 -6.13 2.86 1.96
N ALA A 35 -5.75 4.04 1.49
CA ALA A 35 -4.66 4.18 0.54
C ALA A 35 -3.93 5.47 0.84
N CYS A 36 -2.61 5.47 0.67
CA CYS A 36 -1.77 6.61 0.94
C CYS A 36 -1.04 7.01 -0.34
N VAL A 37 -1.16 8.29 -0.70
CA VAL A 37 -0.47 8.84 -1.86
CA VAL A 37 -0.52 8.87 -1.86
C VAL A 37 0.34 10.04 -1.39
N PHE A 38 1.39 10.37 -2.14
CA PHE A 38 2.30 11.46 -1.76
C PHE A 38 2.65 12.26 -2.99
N PRO A 39 1.81 13.23 -3.36
CA PRO A 39 2.11 14.08 -4.52
C PRO A 39 3.41 14.84 -4.31
N GLN A 40 4.11 15.15 -5.41
CA GLN A 40 5.40 15.79 -5.26
C GLN A 40 5.28 17.21 -4.69
N ASP A 41 4.11 17.83 -4.81
CA ASP A 41 3.88 19.18 -4.29
C ASP A 41 3.09 19.19 -2.99
N ALA A 42 3.02 18.06 -2.29
CA ALA A 42 2.35 17.94 -1.00
C ALA A 42 3.33 18.13 0.13
N GLU A 43 2.90 18.81 1.20
CA GLU A 43 3.72 18.90 2.40
C GLU A 43 3.87 17.55 3.08
N SER A 44 2.84 16.73 3.04
CA SER A 44 2.84 15.46 3.75
C SER A 44 1.92 14.50 3.00
N PRO A 45 2.03 13.20 3.26
CA PRO A 45 1.19 12.23 2.55
C PRO A 45 -0.30 12.46 2.78
N ILE A 46 -1.08 11.88 1.86
CA ILE A 46 -2.52 12.03 1.77
C ILE A 46 -3.15 10.65 1.91
N TRP A 47 -4.15 10.53 2.79
CA TRP A 47 -4.82 9.25 3.05
C TRP A 47 -6.27 9.35 2.59
N VAL A 48 -6.72 8.37 1.81
CA VAL A 48 -8.10 8.34 1.32
C VAL A 48 -8.62 6.91 1.42
N PRO A 49 -9.94 6.74 1.46
CA PRO A 49 -10.48 5.37 1.40
C PRO A 49 -10.07 4.71 0.10
N ASP A 50 -9.74 3.41 0.17
CA ASP A 50 -9.24 2.80 -1.05
C ASP A 50 -10.31 2.57 -2.11
N ARG A 51 -11.60 2.78 -1.80
CA ARG A 51 -12.58 2.75 -2.88
C ARG A 51 -12.43 3.96 -3.79
N PHE A 52 -11.59 4.93 -3.42
CA PHE A 52 -11.40 6.15 -4.19
C PHE A 52 -10.01 6.24 -4.80
N ILE A 53 -9.41 5.09 -5.09
CA ILE A 53 -8.20 5.08 -5.91
C ILE A 53 -8.46 4.21 -7.14
N ARG A 54 -7.73 4.51 -8.20
CA ARG A 54 -7.76 3.75 -9.44
CA ARG A 54 -7.75 3.73 -9.44
C ARG A 54 -6.31 3.55 -9.91
N PRO A 55 -5.90 2.33 -10.19
CA PRO A 55 -4.56 2.14 -10.73
C PRO A 55 -4.38 2.90 -12.04
N PHE A 56 -3.18 3.43 -12.25
CA PHE A 56 -2.85 4.11 -13.48
C PHE A 56 -1.50 3.57 -13.95
N THR A 57 -1.51 2.83 -15.05
CA THR A 57 -0.30 2.21 -15.56
C THR A 57 0.28 3.01 -16.71
N PRO B 7 4.89 -25.56 4.42
CA PRO B 7 5.09 -24.24 5.05
C PRO B 7 4.83 -23.10 4.06
N LYS B 8 4.96 -21.86 4.52
CA LYS B 8 4.81 -20.71 3.64
C LYS B 8 5.62 -19.55 4.19
N PRO B 9 6.09 -18.66 3.31
CA PRO B 9 6.86 -17.50 3.78
C PRO B 9 5.92 -16.51 4.45
N MET B 10 6.27 -16.11 5.66
CA MET B 10 5.43 -15.18 6.39
CA MET B 10 5.44 -15.22 6.47
C MET B 10 6.22 -13.95 6.78
N VAL B 11 5.50 -12.84 6.90
CA VAL B 11 6.10 -11.58 7.28
C VAL B 11 5.21 -10.90 8.29
N MET B 12 5.85 -10.10 9.13
CA MET B 12 5.20 -8.98 9.77
C MET B 12 5.29 -7.76 8.84
N TRP B 13 4.25 -6.93 8.85
CA TRP B 13 4.21 -5.78 7.95
C TRP B 13 3.65 -4.60 8.72
N LYS B 14 4.17 -3.41 8.44
CA LYS B 14 3.76 -2.22 9.17
C LYS B 14 2.57 -1.51 8.52
N ASP B 15 1.53 -1.25 9.34
CA ASP B 15 0.39 -0.41 8.97
C ASP B 15 0.85 1.04 9.13
N LEU B 16 1.03 1.76 7.99
CA LEU B 16 1.58 3.09 8.09
C LEU B 16 0.57 4.13 8.54
N LEU B 17 -0.71 3.80 8.56
CA LEU B 17 -1.71 4.73 9.06
C LEU B 17 -1.72 4.72 10.57
N THR B 18 -1.74 3.54 11.18
CA THR B 18 -1.80 3.48 12.64
C THR B 18 -0.41 3.40 13.26
N GLY B 19 0.61 3.08 12.46
CA GLY B 19 1.93 2.88 13.00
C GLY B 19 2.17 1.53 13.64
N SER B 20 1.24 0.60 13.54
CA SER B 20 1.39 -0.65 14.26
C SER B 20 1.82 -1.77 13.33
N TRP B 21 2.55 -2.73 13.89
CA TRP B 21 2.93 -3.91 13.12
C TRP B 21 1.81 -4.93 13.14
N LYS B 22 1.62 -5.56 11.99
CA LYS B 22 0.53 -6.49 11.73
C LYS B 22 1.10 -7.79 11.21
N GLY B 23 0.31 -8.85 11.28
CA GLY B 23 0.75 -10.16 10.86
C GLY B 23 0.82 -11.16 12.02
N PRO B 24 1.45 -12.31 11.80
CA PRO B 24 2.13 -12.67 10.54
C PRO B 24 1.17 -13.00 9.42
N ASP B 25 1.57 -12.69 8.19
CA ASP B 25 0.76 -12.99 7.02
C ASP B 25 1.65 -13.59 5.94
N VAL B 26 1.04 -14.37 5.05
CA VAL B 26 1.79 -14.99 3.97
C VAL B 26 2.22 -13.92 2.96
N LEU B 27 3.49 -13.94 2.59
CA LEU B 27 4.00 -13.03 1.58
C LEU B 27 3.57 -13.50 0.20
N ILE B 28 3.04 -12.60 -0.62
CA ILE B 28 2.64 -12.92 -1.99
CA ILE B 28 2.66 -12.95 -1.99
C ILE B 28 3.75 -12.57 -2.98
N THR B 29 4.26 -11.36 -2.88
CA THR B 29 5.26 -10.88 -3.80
CA THR B 29 5.19 -10.80 -3.85
C THR B 29 6.03 -9.76 -3.12
N ALA B 30 7.30 -9.61 -3.53
CA ALA B 30 8.10 -8.51 -3.02
C ALA B 30 9.18 -8.14 -4.02
N GLY B 31 9.36 -6.85 -4.21
CA GLY B 31 10.38 -6.39 -5.14
C GLY B 31 10.05 -4.99 -5.60
N ARG B 32 11.03 -4.37 -6.26
N ARG B 32 11.02 -4.39 -6.28
CA ARG B 32 10.88 -3.02 -6.79
CA ARG B 32 10.91 -3.01 -6.78
C ARG B 32 10.39 -2.05 -5.71
C ARG B 32 10.36 -2.07 -5.71
N GLY B 33 10.79 -2.29 -4.46
CA GLY B 33 10.44 -1.40 -3.37
C GLY B 33 9.13 -1.68 -2.65
N TYR B 34 8.42 -2.74 -3.01
CA TYR B 34 7.07 -2.98 -2.50
C TYR B 34 6.87 -4.43 -2.12
N ALA B 35 5.89 -4.69 -1.26
CA ALA B 35 5.57 -6.05 -0.88
C ALA B 35 4.06 -6.16 -0.72
N CYS B 36 3.53 -7.37 -0.88
CA CYS B 36 2.10 -7.65 -0.86
C CYS B 36 1.80 -8.83 0.05
N VAL B 37 0.80 -8.67 0.95
CA VAL B 37 0.18 -9.77 1.69
C VAL B 37 -1.32 -9.72 1.45
N PHE B 38 -2.02 -10.83 1.73
CA PHE B 38 -3.46 -10.92 1.47
C PHE B 38 -4.17 -11.73 2.55
N PRO B 39 -4.38 -11.13 3.72
CA PRO B 39 -5.08 -11.83 4.80
C PRO B 39 -6.44 -12.38 4.39
N GLN B 40 -6.84 -13.47 5.05
CA GLN B 40 -8.10 -14.14 4.71
C GLN B 40 -9.30 -13.22 4.91
N ASP B 41 -9.23 -12.36 5.92
CA ASP B 41 -10.34 -11.46 6.19
C ASP B 41 -10.20 -10.12 5.49
N ALA B 42 -9.23 -9.99 4.57
CA ALA B 42 -9.05 -8.76 3.82
C ALA B 42 -9.89 -8.79 2.55
N GLU B 43 -10.48 -7.63 2.20
CA GLU B 43 -11.21 -7.55 0.95
C GLU B 43 -10.27 -7.63 -0.24
N SER B 44 -9.06 -7.08 -0.13
CA SER B 44 -8.17 -7.05 -1.27
C SER B 44 -6.74 -7.11 -0.76
N PRO B 45 -5.79 -7.41 -1.64
CA PRO B 45 -4.39 -7.47 -1.20
C PRO B 45 -3.90 -6.16 -0.61
N ILE B 46 -2.98 -6.29 0.35
CA ILE B 46 -2.37 -5.17 1.06
C ILE B 46 -0.97 -4.94 0.50
N TRP B 47 -0.64 -3.70 0.15
CA TRP B 47 0.65 -3.32 -0.43
C TRP B 47 1.35 -2.33 0.49
N VAL B 48 2.60 -2.61 0.81
CA VAL B 48 3.41 -1.71 1.66
CA VAL B 48 3.43 -1.75 1.69
C VAL B 48 4.80 -1.61 1.06
N PRO B 49 5.52 -0.52 1.34
CA PRO B 49 6.93 -0.48 0.94
C PRO B 49 7.68 -1.63 1.56
N ASP B 50 8.63 -2.21 0.82
CA ASP B 50 9.21 -3.43 1.34
C ASP B 50 10.18 -3.20 2.49
N ARG B 51 10.59 -1.95 2.76
CA ARG B 51 11.32 -1.69 4.00
C ARG B 51 10.45 -1.86 5.23
N PHE B 52 9.12 -1.97 5.07
CA PHE B 52 8.21 -2.17 6.18
C PHE B 52 7.71 -3.61 6.27
N ILE B 53 8.50 -4.57 5.84
CA ILE B 53 8.19 -5.97 6.18
C ILE B 53 9.38 -6.56 6.90
N ARG B 54 9.08 -7.54 7.77
CA ARG B 54 10.10 -8.32 8.47
C ARG B 54 9.78 -9.80 8.33
N PRO B 55 10.80 -10.63 8.13
CA PRO B 55 10.56 -12.07 8.09
C PRO B 55 10.02 -12.56 9.42
N PHE B 56 9.10 -13.51 9.33
CA PHE B 56 8.57 -14.17 10.52
C PHE B 56 8.73 -15.68 10.37
N THR B 57 9.36 -16.31 11.36
CA THR B 57 9.54 -17.76 11.36
C THR B 57 8.70 -18.35 12.48
N GLU B 58 7.91 -19.36 12.14
CA GLU B 58 7.06 -19.99 13.15
C GLU B 58 7.79 -21.18 13.74
C1 IPA C . -7.30 15.52 0.15
C2 IPA C . -8.02 14.66 1.16
C3 IPA C . -8.39 15.47 2.39
O2 IPA C . -9.23 14.20 0.60
C1 IPA D . -3.03 -0.73 6.28
C2 IPA D . -2.22 -0.14 5.13
C3 IPA D . -2.97 1.03 4.53
O2 IPA D . -1.00 0.36 5.64
#